data_3KOR
#
_entry.id   3KOR
#
_cell.length_a   42.973
_cell.length_b   68.461
_cell.length_c   73.170
_cell.angle_alpha   90.000
_cell.angle_beta   96.860
_cell.angle_gamma   90.000
#
_symmetry.space_group_name_H-M   'P 1 21 1'
#
loop_
_entity.id
_entity.type
_entity.pdbx_description
1 polymer 'Possible Trp repressor'
2 water water
#
_entity_poly.entity_id   1
_entity_poly.type   'polypeptide(L)'
_entity_poly.pdbx_seq_one_letter_code
;(MSE)GSSHHHHHHSSGLVPRGS(MSE)QIEKLRGAALDELFDAILTLENREECYQFFDDLCTVNEIQSLSQRLQVAK
(MSE)IKQGYTYATIEQESGASTATISRVKRSLQWGNDAYT(MSE)ILDR(MSE)NIETNE
;
_entity_poly.pdbx_strand_id   A,B,C,D
#
# COMPACT_ATOMS: atom_id res chain seq x y z
N SER A 19 3.73 -7.52 17.88
CA SER A 19 4.45 -6.60 18.80
C SER A 19 5.85 -6.24 18.31
N GLN A 21 8.63 -3.81 16.92
CA GLN A 21 8.86 -2.39 17.20
C GLN A 21 8.41 -1.51 16.03
N ILE A 22 8.55 -2.04 14.82
CA ILE A 22 8.19 -1.34 13.59
C ILE A 22 6.68 -1.02 13.50
N GLU A 23 5.85 -1.69 14.30
CA GLU A 23 4.41 -1.39 14.34
C GLU A 23 4.12 0.08 14.60
N LYS A 24 4.98 0.72 15.38
CA LYS A 24 4.94 2.18 15.62
C LYS A 24 4.85 3.00 14.32
N LEU A 25 5.50 2.49 13.26
CA LEU A 25 5.68 3.23 12.03
C LEU A 25 4.74 2.79 10.92
N ARG A 26 4.03 1.68 11.13
CA ARG A 26 3.17 1.12 10.08
C ARG A 26 2.19 2.18 9.56
N GLY A 27 2.16 2.36 8.25
CA GLY A 27 1.29 3.36 7.62
C GLY A 27 1.68 3.52 6.16
N ALA A 28 1.02 4.45 5.48
CA ALA A 28 1.21 4.60 4.02
C ALA A 28 2.65 4.89 3.58
N ALA A 29 3.37 5.76 4.30
CA ALA A 29 4.71 6.11 3.85
C ALA A 29 5.67 4.90 3.95
N LEU A 30 5.60 4.20 5.06
CA LEU A 30 6.44 3.03 5.25
C LEU A 30 6.06 1.92 4.24
N ASP A 31 4.74 1.75 4.03
CA ASP A 31 4.33 0.85 2.97
C ASP A 31 4.91 1.20 1.61
N GLU A 32 4.99 2.50 1.30
CA GLU A 32 5.54 2.93 0.02
C GLU A 32 7.04 2.63 -0.11
N LEU A 33 7.79 2.84 0.98
CA LEU A 33 9.21 2.50 0.96
C LEU A 33 9.40 1.02 0.65
N PHE A 34 8.60 0.18 1.32
CA PHE A 34 8.77 -1.25 1.09
C PHE A 34 8.31 -1.65 -0.31
N ASP A 35 7.21 -1.06 -0.77
CA ASP A 35 6.77 -1.31 -2.14
C ASP A 35 7.84 -0.89 -3.16
N ALA A 36 8.51 0.22 -2.85
CA ALA A 36 9.62 0.65 -3.69
C ALA A 36 10.76 -0.37 -3.76
N ILE A 37 11.18 -0.87 -2.61
CA ILE A 37 12.24 -1.86 -2.51
C ILE A 37 11.84 -3.14 -3.28
N LEU A 38 10.55 -3.50 -3.24
CA LEU A 38 10.07 -4.68 -3.95
C LEU A 38 10.17 -4.52 -5.47
N THR A 39 10.14 -3.29 -5.97
CA THR A 39 10.28 -3.06 -7.41
C THR A 39 11.69 -3.26 -7.94
N LEU A 40 12.69 -3.32 -7.06
CA LEU A 40 14.07 -3.52 -7.50
C LEU A 40 14.19 -4.91 -8.11
N GLU A 41 14.83 -4.98 -9.27
CA GLU A 41 14.85 -6.23 -10.05
C GLU A 41 16.20 -6.92 -10.12
N ASN A 42 17.27 -6.19 -9.84
CA ASN A 42 18.59 -6.78 -9.91
C ASN A 42 19.55 -6.06 -8.99
N ARG A 43 20.75 -6.61 -8.86
CA ARG A 43 21.70 -6.17 -7.87
C ARG A 43 22.15 -4.74 -8.14
N GLU A 44 22.34 -4.40 -9.41
CA GLU A 44 22.83 -3.07 -9.71
C GLU A 44 21.78 -2.00 -9.47
N GLU A 45 20.51 -2.33 -9.71
CA GLU A 45 19.45 -1.40 -9.29
C GLU A 45 19.49 -1.12 -7.79
N CYS A 46 19.81 -2.15 -6.99
CA CYS A 46 19.96 -1.97 -5.55
C CYS A 46 21.13 -1.04 -5.25
N TYR A 47 22.27 -1.22 -5.93
CA TYR A 47 23.40 -0.27 -5.76
C TYR A 47 22.95 1.15 -6.04
N GLN A 48 22.25 1.35 -7.16
CA GLN A 48 21.85 2.71 -7.55
C GLN A 48 20.86 3.30 -6.55
N PHE A 49 19.86 2.50 -6.15
CA PHE A 49 18.80 2.98 -5.25
C PHE A 49 19.36 3.24 -3.86
N PHE A 50 20.08 2.28 -3.30
CA PHE A 50 20.56 2.50 -1.95
C PHE A 50 21.66 3.53 -1.86
N ASP A 51 22.42 3.74 -2.94
CA ASP A 51 23.37 4.85 -2.99
C ASP A 51 22.63 6.19 -2.92
N ASP A 52 21.50 6.30 -3.62
CA ASP A 52 20.68 7.52 -3.56
C ASP A 52 20.07 7.69 -2.15
N LEU A 53 19.47 6.62 -1.64
CA LEU A 53 18.70 6.66 -0.41
C LEU A 53 19.56 6.87 0.85
N CYS A 54 20.73 6.23 0.87
CA CYS A 54 21.50 6.06 2.11
C CYS A 54 22.91 6.61 2.01
N THR A 55 23.50 6.90 3.16
CA THR A 55 24.91 7.23 3.21
C THR A 55 25.74 5.95 3.15
N VAL A 56 27.04 6.10 2.85
CA VAL A 56 28.00 5.00 2.89
C VAL A 56 28.03 4.32 4.27
N ASN A 57 28.04 5.12 5.34
CA ASN A 57 28.03 4.57 6.70
C ASN A 57 26.80 3.75 7.04
N GLU A 58 25.64 4.21 6.58
CA GLU A 58 24.40 3.49 6.79
C GLU A 58 24.43 2.15 6.08
N ILE A 59 24.80 2.17 4.80
CA ILE A 59 24.86 0.97 3.95
C ILE A 59 25.86 -0.02 4.56
N GLN A 60 27.02 0.48 4.97
CA GLN A 60 28.04 -0.39 5.57
C GLN A 60 27.48 -1.10 6.80
N SER A 61 26.73 -0.39 7.63
CA SER A 61 26.17 -0.98 8.86
CA SER A 61 26.19 -0.99 8.85
C SER A 61 25.19 -2.10 8.53
N LEU A 62 24.29 -1.85 7.58
CA LEU A 62 23.32 -2.89 7.16
C LEU A 62 24.05 -4.12 6.61
N SER A 63 25.07 -3.89 5.80
CA SER A 63 25.82 -4.99 5.23
C SER A 63 26.49 -5.82 6.34
N GLN A 64 27.14 -5.12 7.27
CA GLN A 64 27.79 -5.77 8.42
C GLN A 64 26.81 -6.62 9.22
N ARG A 65 25.60 -6.10 9.45
CA ARG A 65 24.63 -6.79 10.26
C ARG A 65 24.25 -8.12 9.64
N LEU A 66 24.02 -8.14 8.33
CA LEU A 66 23.63 -9.35 7.65
C LEU A 66 24.78 -10.37 7.68
N GLN A 67 26.03 -9.89 7.48
CA GLN A 67 27.20 -10.78 7.59
C GLN A 67 27.29 -11.44 8.95
N VAL A 68 27.04 -10.67 10.01
CA VAL A 68 27.02 -11.19 11.37
C VAL A 68 25.97 -12.25 11.53
N ALA A 69 24.73 -11.95 11.11
CA ALA A 69 23.66 -12.94 11.19
C ALA A 69 24.03 -14.21 10.42
N LYS A 70 24.57 -14.06 9.22
CA LYS A 70 24.98 -15.20 8.38
C LYS A 70 26.01 -16.05 9.10
N ILE A 72 26.76 -16.17 12.40
CA ILE A 72 26.21 -16.83 13.58
C ILE A 72 25.52 -18.11 13.17
N LYS A 73 24.72 -18.02 12.11
CA LYS A 73 23.96 -19.15 11.62
C LYS A 73 24.87 -20.22 11.04
N GLN A 74 26.00 -19.80 10.44
CA GLN A 74 27.00 -20.76 9.94
C GLN A 74 27.74 -21.46 11.06
N GLY A 75 27.66 -20.91 12.27
CA GLY A 75 28.22 -21.56 13.44
C GLY A 75 29.60 -21.08 13.84
N TYR A 76 29.95 -19.85 13.46
CA TYR A 76 31.22 -19.27 13.87
C TYR A 76 31.18 -18.66 15.27
N THR A 77 32.31 -18.72 15.97
CA THR A 77 32.46 -18.02 17.26
C THR A 77 32.38 -16.51 17.08
N TYR A 78 31.93 -15.82 18.12
CA TYR A 78 31.79 -14.36 18.08
C TYR A 78 33.15 -13.69 17.89
N ALA A 79 34.20 -14.32 18.43
CA ALA A 79 35.58 -13.88 18.23
C ALA A 79 35.95 -13.86 16.74
N THR A 80 35.60 -14.93 16.02
CA THR A 80 35.84 -15.04 14.58
C THR A 80 34.99 -14.04 13.76
N ILE A 81 33.75 -13.86 14.20
CA ILE A 81 32.85 -12.90 13.52
C ILE A 81 33.42 -11.48 13.54
N GLU A 82 33.93 -11.06 14.70
CA GLU A 82 34.60 -9.76 14.85
C GLU A 82 35.70 -9.58 13.80
N GLN A 83 36.56 -10.59 13.70
CA GLN A 83 37.71 -10.54 12.80
C GLN A 83 37.34 -10.53 11.31
N GLU A 84 36.39 -11.38 10.90
CA GLU A 84 36.06 -11.52 9.49
C GLU A 84 35.09 -10.49 8.90
N SER A 85 34.13 -10.06 9.71
CA SER A 85 33.11 -9.12 9.27
C SER A 85 33.47 -7.67 9.56
N GLY A 86 34.40 -7.48 10.47
CA GLY A 86 34.77 -6.14 10.95
C GLY A 86 33.67 -5.46 11.76
N ALA A 87 32.65 -6.23 12.14
CA ALA A 87 31.58 -5.72 13.01
C ALA A 87 32.08 -5.51 14.43
N SER A 88 31.59 -4.46 15.09
CA SER A 88 31.88 -4.21 16.50
C SER A 88 31.16 -5.20 17.41
N THR A 89 31.58 -5.26 18.67
CA THR A 89 30.97 -6.16 19.65
C THR A 89 29.53 -5.74 19.94
N ALA A 90 29.29 -4.43 19.94
CA ALA A 90 27.97 -3.85 20.15
C ALA A 90 27.03 -4.25 19.02
N THR A 91 27.55 -4.29 17.80
CA THR A 91 26.76 -4.64 16.63
C THR A 91 26.38 -6.12 16.68
N ILE A 92 27.38 -6.95 16.99
CA ILE A 92 27.21 -8.39 17.09
C ILE A 92 26.15 -8.70 18.17
N SER A 93 26.20 -7.95 19.28
CA SER A 93 25.21 -8.03 20.37
C SER A 93 23.79 -7.75 19.92
N ARG A 94 23.61 -6.64 19.22
CA ARG A 94 22.31 -6.26 18.64
C ARG A 94 21.79 -7.35 17.68
N VAL A 95 22.66 -7.88 16.82
CA VAL A 95 22.25 -8.91 15.87
C VAL A 95 21.88 -10.21 16.61
N LYS A 96 22.66 -10.55 17.64
CA LYS A 96 22.37 -11.69 18.54
C LYS A 96 20.94 -11.58 19.07
N ARG A 97 20.61 -10.41 19.59
CA ARG A 97 19.30 -10.15 20.19
C ARG A 97 18.19 -10.30 19.15
N SER A 98 18.43 -9.79 17.94
CA SER A 98 17.46 -9.93 16.84
C SER A 98 17.21 -11.37 16.39
N LEU A 99 18.26 -12.20 16.39
CA LEU A 99 18.13 -13.58 15.97
C LEU A 99 17.34 -14.39 16.99
N GLN A 100 17.50 -14.05 18.25
CA GLN A 100 16.84 -14.80 19.30
C GLN A 100 15.44 -14.26 19.56
N TRP A 101 15.36 -12.94 19.66
CA TRP A 101 14.14 -12.24 20.06
C TRP A 101 13.63 -11.34 18.94
N GLY A 102 13.52 -11.91 17.74
CA GLY A 102 13.06 -11.16 16.57
C GLY A 102 12.03 -11.90 15.75
N ASN A 103 12.00 -11.63 14.45
CA ASN A 103 10.97 -12.13 13.55
C ASN A 103 11.33 -13.37 12.74
N ASP A 104 12.52 -13.90 13.00
CA ASP A 104 13.12 -14.98 12.21
C ASP A 104 13.25 -14.64 10.73
N ALA A 105 13.35 -13.34 10.45
CA ALA A 105 13.51 -12.86 9.11
C ALA A 105 14.90 -13.06 8.55
N TYR A 106 15.95 -12.94 9.38
CA TYR A 106 17.26 -13.34 8.92
C TYR A 106 17.23 -14.79 8.44
N THR A 107 16.60 -15.68 9.23
CA THR A 107 16.50 -17.09 8.83
C THR A 107 15.78 -17.26 7.50
N ILE A 109 15.40 -15.27 4.96
CA ILE A 109 16.11 -14.78 3.79
C ILE A 109 17.44 -15.52 3.55
N LEU A 110 18.19 -15.81 4.61
CA LEU A 110 19.38 -16.65 4.46
C LEU A 110 19.05 -18.03 3.89
N ASP A 111 17.94 -18.61 4.35
CA ASP A 111 17.48 -19.90 3.83
C ASP A 111 17.13 -19.83 2.35
N ARG A 112 16.53 -18.72 1.91
CA ARG A 112 16.23 -18.51 0.48
C ARG A 112 17.45 -18.45 -0.43
N ASN A 114 20.11 -20.07 0.01
CA ASN A 114 20.78 -21.36 0.16
C ASN A 114 22.14 -21.19 0.81
N ILE A 115 22.16 -20.44 1.92
CA ILE A 115 23.35 -20.28 2.74
C ILE A 115 23.40 -21.46 3.71
N GLU A 116 24.50 -22.20 3.67
CA GLU A 116 24.71 -23.37 4.50
C GLU A 116 24.86 -22.98 5.97
N THR A 117 23.73 -22.98 6.67
CA THR A 117 23.68 -22.66 8.10
C THR A 117 23.67 -23.95 8.93
N ASN A 118 24.54 -23.99 9.95
CA ASN A 118 24.83 -25.22 10.68
C ASN A 118 24.48 -25.10 12.16
N GLY B 18 -30.29 -7.01 -20.74
CA GLY B 18 -29.04 -7.83 -20.58
C GLY B 18 -29.03 -8.81 -19.41
N SER B 19 -27.87 -9.42 -19.16
CA SER B 19 -27.74 -10.48 -18.14
C SER B 19 -27.37 -10.03 -16.70
N GLN B 21 -27.51 -8.33 -13.07
CA GLN B 21 -28.48 -7.93 -12.07
C GLN B 21 -28.50 -6.42 -11.89
N ILE B 22 -27.34 -5.80 -12.06
CA ILE B 22 -27.24 -4.35 -11.91
C ILE B 22 -28.10 -3.55 -12.91
N GLU B 23 -28.56 -4.19 -14.00
CA GLU B 23 -29.48 -3.55 -14.95
C GLU B 23 -30.71 -2.96 -14.26
N LYS B 24 -31.15 -3.62 -13.18
CA LYS B 24 -32.28 -3.15 -12.37
C LYS B 24 -32.08 -1.74 -11.82
N LEU B 25 -30.82 -1.32 -11.67
CA LEU B 25 -30.49 -0.03 -11.08
C LEU B 25 -29.96 0.99 -12.09
N ARG B 26 -29.70 0.56 -13.32
CA ARG B 26 -29.11 1.46 -14.31
C ARG B 26 -29.94 2.73 -14.43
N GLY B 27 -29.29 3.88 -14.27
CA GLY B 27 -29.93 5.18 -14.35
C GLY B 27 -28.96 6.28 -14.00
N ALA B 28 -29.47 7.51 -13.94
CA ALA B 28 -28.64 8.69 -13.67
C ALA B 28 -27.86 8.64 -12.35
N ALA B 29 -28.50 8.17 -11.29
CA ALA B 29 -27.86 8.19 -9.98
C ALA B 29 -26.68 7.22 -9.91
N LEU B 30 -26.88 6.01 -10.42
CA LEU B 30 -25.81 5.02 -10.45
C LEU B 30 -24.71 5.49 -11.39
N ASP B 31 -25.09 6.07 -12.53
CA ASP B 31 -24.10 6.61 -13.45
C ASP B 31 -23.22 7.63 -12.72
N GLU B 32 -23.85 8.44 -11.86
CA GLU B 32 -23.13 9.48 -11.10
C GLU B 32 -22.15 8.89 -10.09
N LEU B 33 -22.55 7.82 -9.39
CA LEU B 33 -21.66 7.16 -8.46
C LEU B 33 -20.43 6.67 -9.21
N PHE B 34 -20.64 6.03 -10.35
CA PHE B 34 -19.49 5.49 -11.10
C PHE B 34 -18.63 6.60 -11.70
N ASP B 35 -19.27 7.65 -12.22
CA ASP B 35 -18.51 8.83 -12.66
C ASP B 35 -17.63 9.39 -11.54
N ALA B 36 -18.18 9.42 -10.32
CA ALA B 36 -17.46 9.88 -9.14
C ALA B 36 -16.24 9.02 -8.89
N ILE B 37 -16.43 7.71 -8.91
CA ILE B 37 -15.34 6.78 -8.69
C ILE B 37 -14.25 6.93 -9.74
N LEU B 38 -14.67 7.21 -10.97
CA LEU B 38 -13.72 7.41 -12.07
C LEU B 38 -12.83 8.66 -11.89
N THR B 39 -13.30 9.65 -11.11
CA THR B 39 -12.50 10.87 -10.88
C THR B 39 -11.40 10.70 -9.84
N LEU B 40 -11.42 9.60 -9.10
CA LEU B 40 -10.36 9.29 -8.16
C LEU B 40 -9.06 9.03 -8.91
N GLU B 41 -7.98 9.58 -8.39
CA GLU B 41 -6.70 9.55 -9.08
C GLU B 41 -5.56 8.83 -8.39
N ASN B 42 -5.66 8.59 -7.10
CA ASN B 42 -4.58 7.88 -6.42
C ASN B 42 -5.17 7.10 -5.26
N ARG B 43 -4.33 6.27 -4.66
CA ARG B 43 -4.81 5.38 -3.60
C ARG B 43 -5.30 6.15 -2.36
N GLU B 44 -4.64 7.25 -2.00
CA GLU B 44 -5.07 7.94 -0.80
C GLU B 44 -6.43 8.61 -0.97
N GLU B 45 -6.74 9.08 -2.18
CA GLU B 45 -8.06 9.61 -2.47
C GLU B 45 -9.11 8.54 -2.30
N CYS B 46 -8.77 7.31 -2.68
CA CYS B 46 -9.67 6.18 -2.46
C CYS B 46 -9.92 5.95 -0.95
N TYR B 47 -8.84 5.97 -0.16
CA TYR B 47 -8.99 5.89 1.29
C TYR B 47 -9.97 6.96 1.80
N GLN B 48 -9.77 8.20 1.35
CA GLN B 48 -10.58 9.27 1.88
C GLN B 48 -12.04 9.14 1.46
N PHE B 49 -12.27 8.81 0.20
CA PHE B 49 -13.62 8.73 -0.33
C PHE B 49 -14.39 7.52 0.22
N PHE B 50 -13.77 6.34 0.18
CA PHE B 50 -14.45 5.18 0.72
C PHE B 50 -14.61 5.21 2.22
N ASP B 51 -13.69 5.90 2.91
CA ASP B 51 -13.91 6.09 4.37
C ASP B 51 -15.12 6.98 4.63
N ASP B 52 -15.30 8.03 3.82
CA ASP B 52 -16.53 8.83 3.90
C ASP B 52 -17.79 8.03 3.54
N LEU B 53 -17.74 7.33 2.40
CA LEU B 53 -18.92 6.67 1.85
C LEU B 53 -19.41 5.48 2.64
N CYS B 54 -18.45 4.69 3.13
CA CYS B 54 -18.68 3.36 3.71
C CYS B 54 -18.25 3.22 5.17
N THR B 55 -18.76 2.17 5.78
CA THR B 55 -18.32 1.76 7.10
C THR B 55 -17.09 0.87 7.01
N VAL B 56 -16.39 0.70 8.13
CA VAL B 56 -15.26 -0.22 8.17
C VAL B 56 -15.71 -1.64 7.81
N ASN B 57 -16.86 -2.08 8.32
CA ASN B 57 -17.38 -3.41 7.97
C ASN B 57 -17.58 -3.61 6.47
N GLU B 58 -18.13 -2.58 5.82
CA GLU B 58 -18.40 -2.67 4.39
C GLU B 58 -17.09 -2.75 3.59
N ILE B 59 -16.14 -1.89 3.93
CA ILE B 59 -14.87 -1.84 3.22
C ILE B 59 -14.12 -3.14 3.41
N GLN B 60 -14.10 -3.67 4.63
CA GLN B 60 -13.42 -4.93 4.92
C GLN B 60 -14.02 -6.04 4.05
N SER B 61 -15.34 -6.05 3.92
CA SER B 61 -16.01 -7.09 3.10
C SER B 61 -15.59 -6.98 1.65
N LEU B 62 -15.59 -5.76 1.10
CA LEU B 62 -15.18 -5.60 -0.29
C LEU B 62 -13.73 -6.08 -0.51
N SER B 63 -12.84 -5.73 0.42
CA SER B 63 -11.45 -6.14 0.34
C SER B 63 -11.32 -7.67 0.35
N GLN B 64 -12.07 -8.29 1.25
CA GLN B 64 -12.06 -9.75 1.38
C GLN B 64 -12.51 -10.42 0.09
N ARG B 65 -13.55 -9.86 -0.55
CA ARG B 65 -14.04 -10.44 -1.81
C ARG B 65 -12.99 -10.51 -2.88
N LEU B 66 -12.24 -9.42 -3.06
CA LEU B 66 -11.19 -9.47 -4.05
C LEU B 66 -10.11 -10.50 -3.71
N GLN B 67 -9.76 -10.61 -2.41
CA GLN B 67 -8.78 -11.60 -2.01
C GLN B 67 -9.26 -13.02 -2.28
N VAL B 68 -10.54 -13.25 -2.02
CA VAL B 68 -11.13 -14.57 -2.34
C VAL B 68 -11.04 -14.81 -3.84
N ALA B 69 -11.40 -13.81 -4.66
CA ALA B 69 -11.35 -14.00 -6.13
C ALA B 69 -9.96 -14.39 -6.58
N LYS B 70 -8.95 -13.69 -6.06
CA LYS B 70 -7.55 -14.01 -6.39
C LYS B 70 -7.19 -15.44 -6.03
N ILE B 72 -9.17 -18.05 -5.48
CA ILE B 72 -9.87 -19.00 -6.33
C ILE B 72 -9.12 -19.13 -7.66
N LYS B 73 -8.74 -17.99 -8.24
CA LYS B 73 -8.05 -18.04 -9.51
C LYS B 73 -6.69 -18.70 -9.39
N GLN B 74 -6.03 -18.52 -8.24
CA GLN B 74 -4.68 -19.06 -7.98
C GLN B 74 -4.72 -20.55 -7.61
N GLY B 75 -5.92 -21.12 -7.57
CA GLY B 75 -6.13 -22.56 -7.41
C GLY B 75 -6.29 -23.08 -5.99
N TYR B 76 -6.45 -22.17 -5.04
CA TYR B 76 -6.59 -22.57 -3.63
C TYR B 76 -7.86 -23.38 -3.35
N THR B 77 -7.81 -24.22 -2.32
CA THR B 77 -8.99 -24.98 -1.91
C THR B 77 -9.84 -24.10 -0.99
N TYR B 78 -11.11 -24.46 -0.83
CA TYR B 78 -12.02 -23.79 0.11
C TYR B 78 -11.51 -23.61 1.50
N ALA B 79 -11.00 -24.68 2.11
CA ALA B 79 -10.50 -24.59 3.48
C ALA B 79 -9.45 -23.49 3.61
N THR B 80 -8.50 -23.46 2.67
CA THR B 80 -7.48 -22.45 2.70
C THR B 80 -8.00 -21.02 2.46
N ILE B 81 -8.95 -20.89 1.53
CA ILE B 81 -9.52 -19.57 1.20
C ILE B 81 -10.16 -18.92 2.42
N GLU B 82 -10.94 -19.70 3.14
CA GLU B 82 -11.64 -19.23 4.33
C GLU B 82 -10.70 -18.71 5.41
N GLN B 83 -9.67 -19.50 5.73
CA GLN B 83 -8.72 -19.14 6.78
C GLN B 83 -7.91 -17.90 6.45
N GLU B 84 -7.41 -17.84 5.22
CA GLU B 84 -6.54 -16.76 4.81
C GLU B 84 -7.27 -15.47 4.44
N SER B 85 -8.53 -15.60 4.02
CA SER B 85 -9.29 -14.42 3.59
C SER B 85 -10.08 -13.77 4.70
N GLY B 86 -10.50 -14.58 5.67
CA GLY B 86 -11.45 -14.11 6.69
C GLY B 86 -12.90 -14.02 6.23
N ALA B 87 -13.17 -14.40 4.98
CA ALA B 87 -14.54 -14.37 4.47
C ALA B 87 -15.35 -15.60 4.89
N SER B 88 -16.65 -15.41 4.96
CA SER B 88 -17.58 -16.49 5.28
C SER B 88 -17.79 -17.37 4.07
N THR B 89 -18.30 -18.58 4.29
CA THR B 89 -18.62 -19.45 3.14
C THR B 89 -19.70 -18.88 2.21
N ALA B 90 -20.58 -18.03 2.73
CA ALA B 90 -21.61 -17.41 1.91
C ALA B 90 -20.95 -16.36 1.00
N THR B 91 -20.00 -15.61 1.57
CA THR B 91 -19.27 -14.63 0.77
C THR B 91 -18.44 -15.32 -0.31
N ILE B 92 -17.75 -16.40 0.06
CA ILE B 92 -16.96 -17.17 -0.89
C ILE B 92 -17.85 -17.69 -2.02
N SER B 93 -19.02 -18.23 -1.66
CA SER B 93 -19.96 -18.69 -2.69
C SER B 93 -20.36 -17.59 -3.69
N ARG B 94 -20.61 -16.39 -3.19
CA ARG B 94 -21.01 -15.29 -4.04
C ARG B 94 -19.88 -14.88 -4.99
N VAL B 95 -18.65 -14.90 -4.48
CA VAL B 95 -17.52 -14.59 -5.34
C VAL B 95 -17.39 -15.63 -6.45
N LYS B 96 -17.49 -16.90 -6.06
CA LYS B 96 -17.45 -17.99 -7.01
C LYS B 96 -18.51 -17.86 -8.10
N ARG B 97 -19.72 -17.50 -7.71
CA ARG B 97 -20.81 -17.31 -8.69
C ARG B 97 -20.47 -16.20 -9.68
N SER B 98 -19.87 -15.11 -9.19
CA SER B 98 -19.44 -14.04 -10.09
C SER B 98 -18.32 -14.49 -11.03
N LEU B 99 -17.39 -15.30 -10.53
CA LEU B 99 -16.33 -15.83 -11.39
C LEU B 99 -16.84 -16.78 -12.47
N GLN B 100 -17.91 -17.51 -12.17
CA GLN B 100 -18.49 -18.49 -13.10
C GLN B 100 -19.45 -17.84 -14.08
N TRP B 101 -20.40 -17.06 -13.57
CA TRP B 101 -21.49 -16.54 -14.41
C TRP B 101 -21.49 -15.04 -14.61
N GLY B 102 -20.47 -14.36 -14.09
CA GLY B 102 -20.45 -12.90 -14.15
C GLY B 102 -19.82 -12.29 -15.40
N ASN B 103 -19.19 -11.14 -15.16
CA ASN B 103 -18.80 -10.21 -16.24
C ASN B 103 -17.33 -10.22 -16.62
N ASP B 104 -16.60 -11.20 -16.11
CA ASP B 104 -15.15 -11.30 -16.29
C ASP B 104 -14.42 -10.08 -15.69
N ALA B 105 -15.07 -9.35 -14.78
CA ALA B 105 -14.42 -8.12 -14.26
C ALA B 105 -13.28 -8.37 -13.28
N TYR B 106 -13.37 -9.45 -12.49
CA TYR B 106 -12.25 -9.78 -11.64
C TYR B 106 -11.04 -10.09 -12.52
N THR B 107 -11.27 -10.82 -13.62
CA THR B 107 -10.18 -11.13 -14.55
C THR B 107 -9.58 -9.85 -15.10
N ILE B 109 -9.59 -6.67 -13.85
CA ILE B 109 -8.82 -5.85 -12.93
C ILE B 109 -7.53 -6.52 -12.45
N LEU B 110 -7.56 -7.84 -12.26
CA LEU B 110 -6.34 -8.56 -11.85
C LEU B 110 -5.30 -8.51 -12.98
N ASP B 111 -5.78 -8.62 -14.22
CA ASP B 111 -4.87 -8.49 -15.35
C ASP B 111 -4.31 -7.08 -15.45
N ARG B 112 -5.13 -6.06 -15.23
CA ARG B 112 -4.64 -4.67 -15.33
C ARG B 112 -3.60 -4.37 -14.25
N ASN B 114 -1.45 -6.49 -13.29
CA ASN B 114 -0.25 -7.22 -13.65
C ASN B 114 0.55 -6.34 -14.63
N ILE B 115 1.55 -5.62 -14.10
CA ILE B 115 2.48 -4.79 -14.88
C ILE B 115 3.23 -5.51 -16.00
N GLU B 116 3.26 -6.84 -15.95
CA GLU B 116 3.95 -7.64 -16.96
C GLU B 116 3.10 -8.00 -18.17
N THR B 117 1.80 -7.72 -18.11
CA THR B 117 0.90 -8.04 -19.22
C THR B 117 0.32 -6.78 -19.86
N ASN B 118 0.03 -6.88 -21.16
CA ASN B 118 -0.62 -5.81 -21.91
C ASN B 118 -1.82 -6.38 -22.67
N GLY C 18 -5.79 5.57 13.71
CA GLY C 18 -5.39 7.01 13.68
C GLY C 18 -6.56 8.00 13.66
N SER C 19 -6.75 8.67 12.53
CA SER C 19 -7.81 9.67 12.40
C SER C 19 -9.06 9.08 11.76
N GLN C 21 -11.57 6.13 10.41
CA GLN C 21 -11.98 4.77 10.81
C GLN C 21 -11.25 3.71 9.97
N ILE C 22 -11.04 4.01 8.69
CA ILE C 22 -10.45 3.07 7.72
C ILE C 22 -9.00 2.67 8.03
N GLU C 23 -8.35 3.43 8.92
CA GLU C 23 -6.98 3.14 9.33
C GLU C 23 -6.80 1.74 9.87
N LYS C 24 -7.83 1.22 10.54
CA LYS C 24 -7.73 -0.11 11.10
C LYS C 24 -7.54 -1.18 10.01
N LEU C 25 -7.96 -0.88 8.77
CA LEU C 25 -7.86 -1.85 7.67
C LEU C 25 -6.70 -1.60 6.73
N ARG C 26 -6.02 -0.45 6.85
CA ARG C 26 -4.94 -0.13 5.93
C ARG C 26 -3.93 -1.26 5.86
N GLY C 27 -3.62 -1.68 4.64
CA GLY C 27 -2.69 -2.76 4.40
C GLY C 27 -2.74 -3.23 2.97
N ALA C 28 -1.96 -4.25 2.64
CA ALA C 28 -1.79 -4.68 1.26
C ALA C 28 -3.12 -5.07 0.58
N ALA C 29 -4.01 -5.78 1.29
CA ALA C 29 -5.24 -6.26 0.65
C ALA C 29 -6.16 -5.09 0.28
N LEU C 30 -6.31 -4.15 1.22
CA LEU C 30 -7.14 -2.98 0.92
C LEU C 30 -6.49 -2.12 -0.17
N ASP C 31 -5.16 -1.98 -0.12
CA ASP C 31 -4.47 -1.25 -1.19
C ASP C 31 -4.76 -1.86 -2.56
N GLU C 32 -4.86 -3.20 -2.62
CA GLU C 32 -5.10 -3.91 -3.88
C GLU C 32 -6.52 -3.62 -4.36
N LEU C 33 -7.48 -3.58 -3.44
CA LEU C 33 -8.85 -3.20 -3.81
C LEU C 33 -8.89 -1.83 -4.44
N PHE C 34 -8.24 -0.86 -3.80
CA PHE C 34 -8.28 0.50 -4.33
C PHE C 34 -7.52 0.62 -5.64
N ASP C 35 -6.38 -0.06 -5.72
CA ASP C 35 -5.64 -0.11 -6.99
C ASP C 35 -6.53 -0.68 -8.10
N ALA C 36 -7.33 -1.71 -7.78
CA ALA C 36 -8.23 -2.32 -8.76
C ALA C 36 -9.25 -1.32 -9.26
N ILE C 37 -9.81 -0.58 -8.32
CA ILE C 37 -10.82 0.44 -8.66
C ILE C 37 -10.19 1.54 -9.54
N LEU C 38 -8.93 1.87 -9.26
CA LEU C 38 -8.22 2.90 -10.06
C LEU C 38 -7.96 2.45 -11.52
N THR C 39 -7.94 1.15 -11.75
CA THR C 39 -7.72 0.64 -13.12
C THR C 39 -8.98 0.77 -13.99
N LEU C 40 -10.14 1.03 -13.39
CA LEU C 40 -11.37 1.21 -14.17
C LEU C 40 -11.26 2.47 -15.01
N GLU C 41 -11.64 2.38 -16.29
CA GLU C 41 -11.41 3.46 -17.24
CA GLU C 41 -11.40 3.46 -17.25
C GLU C 41 -12.68 4.16 -17.72
N ASN C 42 -13.82 3.48 -17.61
CA ASN C 42 -15.09 4.05 -18.08
C ASN C 42 -16.27 3.53 -17.30
N ARG C 43 -17.41 4.15 -17.52
CA ARG C 43 -18.59 3.87 -16.72
C ARG C 43 -19.06 2.40 -16.87
N GLU C 44 -19.00 1.86 -18.08
CA GLU C 44 -19.50 0.51 -18.27
C GLU C 44 -18.61 -0.52 -17.57
N GLU C 45 -17.29 -0.28 -17.54
CA GLU C 45 -16.38 -1.12 -16.76
C GLU C 45 -16.76 -1.12 -15.29
N CYS C 46 -17.17 0.05 -14.78
CA CYS C 46 -17.68 0.14 -13.41
C CYS C 46 -18.96 -0.71 -13.21
N TYR C 47 -19.87 -0.65 -14.18
CA TYR C 47 -21.08 -1.51 -14.09
C TYR C 47 -20.67 -2.98 -13.97
N GLN C 48 -19.74 -3.41 -14.83
CA GLN C 48 -19.29 -4.80 -14.85
C GLN C 48 -18.60 -5.17 -13.55
N PHE C 49 -17.70 -4.31 -13.09
CA PHE C 49 -16.97 -4.63 -11.88
C PHE C 49 -17.81 -4.60 -10.63
N PHE C 50 -18.61 -3.55 -10.45
CA PHE C 50 -19.45 -3.49 -9.25
C PHE C 50 -20.57 -4.51 -9.27
N ASP C 51 -21.04 -4.90 -10.46
CA ASP C 51 -21.95 -6.04 -10.55
C ASP C 51 -21.30 -7.36 -10.13
N ASP C 52 -20.04 -7.57 -10.49
CA ASP C 52 -19.32 -8.77 -10.02
C ASP C 52 -19.08 -8.70 -8.51
N LEU C 53 -18.69 -7.52 -8.01
CA LEU C 53 -18.26 -7.39 -6.62
C LEU C 53 -19.40 -7.38 -5.61
N CYS C 54 -20.53 -6.78 -5.99
CA CYS C 54 -21.57 -6.41 -5.03
C CYS C 54 -22.93 -6.90 -5.40
N THR C 55 -23.82 -6.98 -4.42
CA THR C 55 -25.22 -7.23 -4.70
C THR C 55 -25.92 -5.94 -5.15
N VAL C 56 -27.11 -6.09 -5.74
CA VAL C 56 -27.94 -4.95 -6.09
C VAL C 56 -28.22 -4.07 -4.86
N ASN C 57 -28.57 -4.67 -3.72
CA ASN C 57 -28.87 -3.87 -2.53
C ASN C 57 -27.67 -3.03 -2.07
N GLU C 58 -26.49 -3.64 -2.11
CA GLU C 58 -25.26 -2.93 -1.73
C GLU C 58 -25.01 -1.73 -2.63
N ILE C 59 -25.10 -1.94 -3.95
CA ILE C 59 -24.83 -0.89 -4.93
C ILE C 59 -25.85 0.23 -4.79
N GLN C 60 -27.11 -0.15 -4.62
CA GLN C 60 -28.17 0.83 -4.45
C GLN C 60 -27.91 1.70 -3.26
N SER C 61 -27.48 1.08 -2.16
CA SER C 61 -27.17 1.83 -0.96
C SER C 61 -26.02 2.84 -1.18
N LEU C 62 -24.97 2.44 -1.89
CA LEU C 62 -23.86 3.36 -2.16
C LEU C 62 -24.32 4.51 -3.05
N SER C 63 -25.10 4.19 -4.08
CA SER C 63 -25.62 5.24 -4.97
C SER C 63 -26.47 6.23 -4.19
N GLN C 64 -27.30 5.73 -3.28
CA GLN C 64 -28.17 6.58 -2.48
CA GLN C 64 -28.17 6.60 -2.50
C GLN C 64 -27.38 7.55 -1.61
N ARG C 65 -26.32 7.06 -0.98
CA ARG C 65 -25.50 7.91 -0.12
C ARG C 65 -24.89 9.08 -0.89
N LEU C 66 -24.33 8.83 -2.08
CA LEU C 66 -23.79 9.93 -2.86
C LEU C 66 -24.89 10.94 -3.24
N GLN C 67 -26.07 10.44 -3.58
CA GLN C 67 -27.20 11.33 -3.90
C GLN C 67 -27.57 12.20 -2.71
N VAL C 68 -27.60 11.61 -1.53
CA VAL C 68 -27.83 12.39 -0.33
C VAL C 68 -26.80 13.50 -0.14
N ALA C 69 -25.51 13.14 -0.27
CA ALA C 69 -24.43 14.09 -0.10
C ALA C 69 -24.57 15.25 -1.10
N LYS C 70 -24.86 14.91 -2.35
CA LYS C 70 -25.03 15.89 -3.40
C LYS C 70 -26.19 16.80 -3.05
N ILE C 72 -27.59 17.50 -0.12
CA ILE C 72 -27.28 18.37 1.01
C ILE C 72 -26.47 19.57 0.50
N LYS C 73 -25.44 19.31 -0.29
CA LYS C 73 -24.59 20.38 -0.79
C LYS C 73 -25.35 21.32 -1.73
N GLN C 74 -26.34 20.80 -2.46
CA GLN C 74 -27.18 21.62 -3.36
C GLN C 74 -28.18 22.44 -2.58
N GLY C 75 -28.33 22.15 -1.28
CA GLY C 75 -29.11 23.00 -0.40
C GLY C 75 -30.55 22.56 -0.23
N TYR C 76 -30.83 21.28 -0.48
CA TYR C 76 -32.18 20.77 -0.24
C TYR C 76 -32.43 20.47 1.23
N THR C 77 -33.69 20.59 1.65
CA THR C 77 -34.08 20.24 3.01
C THR C 77 -34.09 18.72 3.19
N TYR C 78 -34.00 18.26 4.44
CA TYR C 78 -33.95 16.81 4.68
C TYR C 78 -35.24 16.12 4.27
N ALA C 79 -36.39 16.79 4.46
CA ALA C 79 -37.67 16.27 3.94
C ALA C 79 -37.60 16.00 2.44
N THR C 80 -37.06 16.95 1.68
CA THR C 80 -36.94 16.77 0.24
C THR C 80 -35.98 15.63 -0.10
N ILE C 81 -34.90 15.52 0.68
CA ILE C 81 -33.93 14.46 0.43
C ILE C 81 -34.55 13.09 0.71
N GLU C 82 -35.27 12.99 1.82
CA GLU C 82 -36.02 11.77 2.15
C GLU C 82 -36.88 11.35 0.97
N GLN C 83 -37.69 12.30 0.50
CA GLN C 83 -38.63 12.08 -0.57
C GLN C 83 -37.94 11.58 -1.83
N GLU C 84 -36.89 12.29 -2.25
CA GLU C 84 -36.27 12.04 -3.56
C GLU C 84 -35.20 10.95 -3.65
N SER C 85 -34.38 10.79 -2.62
CA SER C 85 -33.23 9.87 -2.70
C SER C 85 -33.62 8.42 -2.41
N GLY C 86 -34.76 8.28 -1.73
CA GLY C 86 -35.18 7.03 -1.09
C GLY C 86 -34.68 7.00 0.35
N ALA C 87 -33.55 7.66 0.57
CA ALA C 87 -32.77 7.51 1.81
C ALA C 87 -33.59 7.50 3.08
N SER C 88 -33.30 6.50 3.89
CA SER C 88 -33.77 6.44 5.25
C SER C 88 -33.18 7.61 6.02
N THR C 89 -33.88 8.00 7.07
CA THR C 89 -33.51 9.14 7.89
C THR C 89 -32.17 8.90 8.65
N ALA C 90 -31.91 7.65 9.02
CA ALA C 90 -30.63 7.25 9.61
C ALA C 90 -29.48 7.41 8.60
N THR C 91 -29.76 7.05 7.34
CA THR C 91 -28.76 7.15 6.28
C THR C 91 -28.38 8.61 6.07
N ILE C 92 -29.38 9.48 6.00
CA ILE C 92 -29.16 10.88 5.83
C ILE C 92 -28.31 11.42 6.98
N SER C 93 -28.60 10.97 8.20
CA SER C 93 -27.83 11.41 9.34
C SER C 93 -26.35 11.02 9.21
N ARG C 94 -26.11 9.79 8.78
CA ARG C 94 -24.73 9.28 8.64
C ARG C 94 -23.96 10.03 7.54
N VAL C 95 -24.66 10.28 6.42
CA VAL C 95 -24.03 11.02 5.32
C VAL C 95 -23.75 12.48 5.70
N LYS C 96 -24.73 13.12 6.33
CA LYS C 96 -24.55 14.47 6.82
C LYS C 96 -23.33 14.56 7.73
N ARG C 97 -23.17 13.59 8.64
CA ARG C 97 -22.04 13.60 9.55
C ARG C 97 -20.72 13.51 8.80
N SER C 98 -20.65 12.58 7.84
CA SER C 98 -19.45 12.42 7.02
C SER C 98 -19.16 13.67 6.23
N LEU C 99 -20.21 14.28 5.71
CA LEU C 99 -20.05 15.46 4.87
C LEU C 99 -19.43 16.62 5.62
N GLN C 100 -19.87 16.82 6.88
CA GLN C 100 -19.46 17.95 7.68
C GLN C 100 -18.19 17.72 8.47
N TRP C 101 -17.98 16.48 8.92
CA TRP C 101 -16.94 16.19 9.90
C TRP C 101 -16.00 15.08 9.48
N GLY C 102 -16.12 14.67 8.21
CA GLY C 102 -15.28 13.60 7.65
C GLY C 102 -14.08 14.10 6.88
N ASN C 103 -13.82 13.49 5.73
CA ASN C 103 -12.57 13.69 5.00
C ASN C 103 -12.62 14.71 3.87
N ASP C 104 -13.76 15.41 3.75
CA ASP C 104 -14.01 16.35 2.67
C ASP C 104 -14.01 15.66 1.31
N ALA C 105 -14.16 14.33 1.30
CA ALA C 105 -14.05 13.60 0.06
C ALA C 105 -15.30 13.64 -0.84
N TYR C 106 -16.49 13.73 -0.24
CA TYR C 106 -17.68 13.95 -1.00
C TYR C 106 -17.55 15.25 -1.81
N THR C 107 -17.11 16.33 -1.16
CA THR C 107 -16.93 17.63 -1.79
C THR C 107 -15.87 17.50 -2.87
N ILE C 109 -15.02 14.96 -4.77
CA ILE C 109 -15.51 14.32 -5.99
C ILE C 109 -16.68 15.07 -6.64
N LEU C 110 -17.57 15.66 -5.84
CA LEU C 110 -18.67 16.42 -6.41
C LEU C 110 -18.11 17.60 -7.20
N ASP C 111 -17.04 18.20 -6.70
CA ASP C 111 -16.40 19.32 -7.42
C ASP C 111 -15.76 18.86 -8.72
N ARG C 112 -15.14 17.69 -8.71
CA ARG C 112 -14.52 17.15 -9.92
C ARG C 112 -15.54 16.80 -10.98
N ASN C 114 -18.13 18.70 -11.53
CA ASN C 114 -18.65 20.02 -11.96
C ASN C 114 -20.07 20.24 -11.46
N ILE C 115 -20.39 19.60 -10.34
CA ILE C 115 -21.67 19.81 -9.71
C ILE C 115 -21.56 21.13 -8.94
N GLU C 116 -22.40 22.10 -9.31
CA GLU C 116 -22.38 23.41 -8.65
C GLU C 116 -23.14 23.36 -7.32
N THR C 117 -22.45 23.69 -6.23
CA THR C 117 -23.05 23.61 -4.89
C THR C 117 -22.75 24.84 -4.03
N SER D 19 31.71 6.20 -10.11
CA SER D 19 31.94 7.29 -9.11
C SER D 19 30.76 7.50 -8.15
N GLN D 21 29.34 7.02 -4.51
CA GLN D 21 29.98 6.86 -3.20
C GLN D 21 30.03 5.39 -2.75
N ILE D 22 28.96 4.65 -3.06
CA ILE D 22 28.83 3.25 -2.69
C ILE D 22 29.94 2.35 -3.27
N GLU D 23 30.63 2.83 -4.30
CA GLU D 23 31.79 2.11 -4.87
C GLU D 23 32.84 1.80 -3.81
N LYS D 24 32.94 2.65 -2.78
CA LYS D 24 33.82 2.42 -1.63
C LYS D 24 33.56 1.05 -1.02
N LEU D 25 32.29 0.61 -1.03
CA LEU D 25 31.86 -0.61 -0.35
C LEU D 25 31.63 -1.83 -1.23
N ARG D 26 31.65 -1.64 -2.55
CA ARG D 26 31.28 -2.71 -3.47
C ARG D 26 32.11 -3.95 -3.19
N GLY D 27 31.45 -5.10 -3.14
CA GLY D 27 32.15 -6.35 -2.88
C GLY D 27 31.19 -7.43 -2.45
N ALA D 28 31.73 -8.58 -2.09
CA ALA D 28 30.92 -9.74 -1.76
C ALA D 28 29.86 -9.50 -0.68
N ALA D 29 30.21 -8.81 0.40
CA ALA D 29 29.26 -8.64 1.51
C ALA D 29 28.06 -7.78 1.11
N LEU D 30 28.33 -6.70 0.39
CA LEU D 30 27.28 -5.79 -0.03
C LEU D 30 26.42 -6.44 -1.09
N ASP D 31 27.05 -7.16 -2.02
CA ASP D 31 26.30 -7.97 -2.99
C ASP D 31 25.34 -8.90 -2.27
N GLU D 32 25.81 -9.53 -1.20
CA GLU D 32 24.97 -10.45 -0.44
C GLU D 32 23.77 -9.75 0.20
N LEU D 33 23.98 -8.55 0.75
CA LEU D 33 22.87 -7.76 1.30
C LEU D 33 21.82 -7.48 0.22
N PHE D 34 22.27 -7.06 -0.96
CA PHE D 34 21.31 -6.77 -2.02
C PHE D 34 20.62 -8.03 -2.54
N ASP D 35 21.38 -9.12 -2.70
CA ASP D 35 20.78 -10.40 -3.07
C ASP D 35 19.70 -10.80 -2.06
N ALA D 36 19.93 -10.54 -0.77
CA ALA D 36 18.94 -10.83 0.28
C ALA D 36 17.68 -10.01 0.06
N ILE D 37 17.88 -8.72 -0.21
CA ILE D 37 16.76 -7.81 -0.40
C ILE D 37 15.92 -8.22 -1.62
N LEU D 38 16.59 -8.69 -2.67
CA LEU D 38 15.92 -9.14 -3.89
C LEU D 38 15.06 -10.39 -3.65
N THR D 39 15.39 -11.18 -2.64
CA THR D 39 14.57 -12.37 -2.29
C THR D 39 13.25 -12.04 -1.60
N LEU D 40 13.08 -10.80 -1.11
CA LEU D 40 11.81 -10.42 -0.47
C LEU D 40 10.71 -10.44 -1.53
N GLU D 41 9.54 -10.98 -1.17
CA GLU D 41 8.46 -11.25 -2.13
CA GLU D 41 8.49 -11.18 -2.17
C GLU D 41 7.21 -10.39 -1.92
N ASN D 42 7.01 -9.89 -0.70
CA ASN D 42 5.83 -9.11 -0.43
C ASN D 42 6.10 -8.09 0.66
N ARG D 43 5.11 -7.24 0.90
CA ARG D 43 5.29 -6.11 1.79
C ARG D 43 5.49 -6.56 3.23
N GLU D 44 4.75 -7.58 3.67
CA GLU D 44 4.89 -8.00 5.07
C GLU D 44 6.25 -8.61 5.36
N GLU D 45 6.80 -9.34 4.39
CA GLU D 45 8.17 -9.83 4.54
C GLU D 45 9.14 -8.67 4.72
N CYS D 46 8.90 -7.54 4.05
CA CYS D 46 9.75 -6.34 4.24
C CYS D 46 9.65 -5.82 5.68
N TYR D 47 8.42 -5.77 6.18
CA TYR D 47 8.21 -5.39 7.58
C TYR D 47 9.03 -6.27 8.52
N GLN D 48 8.94 -7.59 8.32
CA GLN D 48 9.65 -8.51 9.20
C GLN D 48 11.16 -8.40 9.05
N PHE D 49 11.64 -8.32 7.82
CA PHE D 49 13.08 -8.28 7.57
C PHE D 49 13.72 -6.97 8.04
N PHE D 50 13.10 -5.85 7.68
CA PHE D 50 13.69 -4.59 8.09
C PHE D 50 13.50 -4.30 9.58
N ASP D 51 12.48 -4.88 10.20
CA ASP D 51 12.35 -4.80 11.65
C ASP D 51 13.52 -5.52 12.34
N ASP D 52 13.90 -6.68 11.79
CA ASP D 52 15.09 -7.43 12.31
C ASP D 52 16.36 -6.64 12.04
N LEU D 53 16.51 -6.18 10.79
CA LEU D 53 17.74 -5.54 10.33
C LEU D 53 18.02 -4.18 10.96
N CYS D 54 16.99 -3.36 11.12
CA CYS D 54 17.15 -1.93 11.43
C CYS D 54 16.45 -1.53 12.71
N THR D 55 16.82 -0.37 13.24
CA THR D 55 16.09 0.19 14.36
C THR D 55 14.87 0.92 13.82
N VAL D 56 13.92 1.19 14.72
CA VAL D 56 12.79 2.07 14.38
C VAL D 56 13.25 3.43 13.82
N ASN D 57 14.23 4.06 14.47
CA ASN D 57 14.75 5.34 13.99
C ASN D 57 15.35 5.30 12.58
N GLU D 58 16.12 4.25 12.28
CA GLU D 58 16.67 4.07 10.93
C GLU D 58 15.57 3.93 9.89
N ILE D 59 14.59 3.08 10.18
CA ILE D 59 13.50 2.82 9.21
C ILE D 59 12.71 4.10 8.95
N GLN D 60 12.44 4.84 10.00
CA GLN D 60 11.70 6.09 9.88
C GLN D 60 12.46 7.08 8.99
N SER D 61 13.78 7.14 9.18
CA SER D 61 14.62 8.01 8.37
CA SER D 61 14.58 8.03 8.38
C SER D 61 14.53 7.66 6.89
N LEU D 62 14.61 6.37 6.59
CA LEU D 62 14.57 5.95 5.20
C LEU D 62 13.20 6.24 4.58
N SER D 63 12.14 5.96 5.34
CA SER D 63 10.78 6.25 4.85
C SER D 63 10.60 7.74 4.54
N GLN D 64 11.13 8.59 5.42
CA GLN D 64 11.00 10.04 5.29
C GLN D 64 11.71 10.51 4.03
N ARG D 65 12.89 9.97 3.75
CA ARG D 65 13.64 10.38 2.57
C ARG D 65 12.88 10.09 1.29
N LEU D 66 12.23 8.93 1.22
CA LEU D 66 11.50 8.58 0.01
C LEU D 66 10.28 9.51 -0.14
N GLN D 67 9.61 9.81 0.98
CA GLN D 67 8.44 10.71 0.96
C GLN D 67 8.85 12.08 0.46
N VAL D 68 9.98 12.57 0.94
CA VAL D 68 10.53 13.84 0.46
C VAL D 68 10.81 13.80 -1.04
N ALA D 69 11.49 12.75 -1.51
CA ALA D 69 11.78 12.62 -2.93
C ALA D 69 10.53 12.71 -3.79
N LYS D 70 9.51 11.93 -3.40
CA LYS D 70 8.24 11.86 -4.11
C LYS D 70 7.63 13.25 -4.15
N ILE D 72 8.96 16.27 -3.68
CA ILE D 72 9.73 17.17 -4.54
C ILE D 72 9.36 16.96 -6.01
N LYS D 73 9.33 15.70 -6.44
CA LYS D 73 9.03 15.37 -7.82
C LYS D 73 7.57 15.68 -8.22
N GLN D 74 6.69 15.78 -7.23
CA GLN D 74 5.29 16.17 -7.46
C GLN D 74 5.09 17.69 -7.45
N GLY D 75 6.13 18.43 -7.07
CA GLY D 75 6.06 19.89 -7.14
C GLY D 75 5.66 20.59 -5.84
N TYR D 76 5.67 19.87 -4.72
CA TYR D 76 5.47 20.51 -3.40
C TYR D 76 6.66 21.42 -3.03
N THR D 77 6.39 22.47 -2.25
CA THR D 77 7.46 23.36 -1.78
C THR D 77 7.99 22.83 -0.45
N TYR D 78 9.17 23.29 -0.05
CA TYR D 78 9.83 22.79 1.16
C TYR D 78 8.94 22.89 2.41
N ALA D 79 8.19 23.98 2.56
CA ALA D 79 7.31 24.12 3.74
C ALA D 79 6.24 23.04 3.86
N THR D 80 5.61 22.69 2.74
CA THR D 80 4.60 21.63 2.73
C THR D 80 5.24 20.28 3.03
N ILE D 81 6.42 20.07 2.47
CA ILE D 81 7.15 18.84 2.71
C ILE D 81 7.51 18.67 4.18
N GLU D 82 8.00 19.74 4.80
CA GLU D 82 8.32 19.75 6.24
C GLU D 82 7.08 19.39 7.08
N GLN D 83 5.94 19.99 6.74
CA GLN D 83 4.67 19.74 7.43
C GLN D 83 4.17 18.29 7.30
N GLU D 84 4.28 17.69 6.11
CA GLU D 84 3.66 16.38 5.85
C GLU D 84 4.54 15.17 6.16
N SER D 85 5.86 15.36 6.09
CA SER D 85 6.78 14.24 6.22
C SER D 85 7.57 14.26 7.52
N GLY D 86 7.59 15.41 8.17
CA GLY D 86 8.35 15.59 9.42
C GLY D 86 9.79 16.00 9.15
N ALA D 87 10.19 16.01 7.88
CA ALA D 87 11.59 16.19 7.52
C ALA D 87 12.14 17.58 7.83
N SER D 88 13.36 17.61 8.34
CA SER D 88 14.09 18.86 8.53
C SER D 88 14.52 19.46 7.19
N THR D 89 14.83 20.76 7.16
CA THR D 89 15.33 21.42 5.94
C THR D 89 16.62 20.73 5.48
N ALA D 90 17.43 20.26 6.42
CA ALA D 90 18.71 19.58 6.10
C ALA D 90 18.47 18.28 5.35
N THR D 91 17.55 17.46 5.88
CA THR D 91 17.13 16.22 5.22
C THR D 91 16.61 16.50 3.81
N ILE D 92 15.70 17.48 3.71
CA ILE D 92 15.13 17.85 2.41
C ILE D 92 16.23 18.28 1.43
N SER D 93 17.15 19.10 1.91
CA SER D 93 18.29 19.53 1.11
C SER D 93 19.11 18.38 0.54
N ARG D 94 19.41 17.40 1.39
CA ARG D 94 20.18 16.23 0.97
C ARG D 94 19.42 15.40 -0.06
N VAL D 95 18.12 15.22 0.13
CA VAL D 95 17.33 14.53 -0.89
C VAL D 95 17.35 15.30 -2.20
N LYS D 96 17.13 16.61 -2.13
CA LYS D 96 17.17 17.41 -3.34
C LYS D 96 18.49 17.25 -4.10
N ARG D 97 19.61 17.28 -3.37
CA ARG D 97 20.93 17.10 -3.97
C ARG D 97 21.02 15.77 -4.70
N SER D 98 20.52 14.71 -4.07
CA SER D 98 20.57 13.38 -4.66
C SER D 98 19.67 13.28 -5.90
N LEU D 99 18.59 14.05 -5.96
CA LEU D 99 17.75 14.08 -7.15
C LEU D 99 18.45 14.71 -8.35
N GLN D 100 19.30 15.69 -8.09
CA GLN D 100 19.98 16.40 -9.16
C GLN D 100 21.25 15.69 -9.63
N TRP D 101 21.98 15.09 -8.68
CA TRP D 101 23.35 14.62 -8.94
C TRP D 101 23.57 13.14 -8.63
N GLY D 102 22.50 12.42 -8.32
CA GLY D 102 22.59 11.00 -7.94
C GLY D 102 22.38 10.10 -9.14
N ASN D 103 21.73 8.97 -8.89
CA ASN D 103 21.58 7.90 -9.87
C ASN D 103 20.21 7.84 -10.52
N ASP D 104 19.41 8.87 -10.25
CA ASP D 104 18.05 8.95 -10.77
C ASP D 104 17.23 7.73 -10.32
N ALA D 105 17.59 7.17 -9.17
CA ALA D 105 16.94 5.94 -8.74
C ALA D 105 15.56 6.17 -8.13
N TYR D 106 15.34 7.35 -7.58
CA TYR D 106 14.00 7.66 -7.11
C TYR D 106 13.05 7.73 -8.31
N THR D 107 13.48 8.40 -9.38
CA THR D 107 12.72 8.40 -10.64
C THR D 107 12.34 6.98 -11.07
N ILE D 109 12.11 4.05 -9.34
CA ILE D 109 11.10 3.37 -8.53
C ILE D 109 9.74 4.06 -8.53
N LEU D 110 9.72 5.40 -8.67
CA LEU D 110 8.44 6.09 -8.67
C LEU D 110 7.65 5.77 -9.93
N ASP D 111 8.37 5.67 -11.04
CA ASP D 111 7.81 5.23 -12.31
C ASP D 111 7.22 3.82 -12.21
N ARG D 112 7.92 2.90 -11.55
CA ARG D 112 7.39 1.52 -11.40
C ARG D 112 6.18 1.39 -10.48
N ASN D 114 3.90 3.56 -10.47
CA ASN D 114 2.98 4.42 -11.23
C ASN D 114 2.50 5.62 -10.40
N ILE D 115 3.47 6.28 -9.76
CA ILE D 115 3.18 7.49 -9.01
C ILE D 115 3.41 8.63 -9.98
N GLU D 116 2.42 9.51 -10.09
CA GLU D 116 2.51 10.60 -11.06
C GLU D 116 3.45 11.69 -10.55
N THR D 117 4.36 12.11 -11.43
CA THR D 117 5.35 13.14 -11.11
C THR D 117 5.47 14.17 -12.24
N ASN D 118 6.00 15.35 -11.92
CA ASN D 118 6.21 16.40 -12.92
C ASN D 118 7.34 16.13 -13.91
#